data_4I7Y
#
_entry.id   4I7Y
#
_cell.length_a   48.144
_cell.length_b   81.904
_cell.length_c   53.720
_cell.angle_alpha   90.00
_cell.angle_beta   99.66
_cell.angle_gamma   90.00
#
_symmetry.space_group_name_H-M   'P 1 21 1'
#
loop_
_entity.id
_entity.type
_entity.pdbx_description
1 polymer Prothrombin
2 polymer Prothrombin
3 polymer 'DNA (27-MER)'
4 non-polymer D-phenylalanyl-N-[(2S,3S)-6-{[amino(iminio)methyl]amino}-1-chloro-2-hydroxyhexan-3-yl]-L-prolinamide
5 non-polymer 'SODIUM ION'
6 non-polymer 2-acetamido-2-deoxy-beta-D-glucopyranose
7 water water
#
loop_
_entity_poly.entity_id
_entity_poly.type
_entity_poly.pdbx_seq_one_letter_code
_entity_poly.pdbx_strand_id
1 'polypeptide(L)'
;IVEGSDAEIGMSPWQVMLFRKSPQELLCGASLISDRWVLTAAHCLLYPPWDKNFTENDLLVRIGKHSRTRYERNIEKISM
LEKIYIHPRYNWRENLDRDIALMKLKKPVAFSDYIHPVCLPDRETAASLLQAGYKGRVTGWGNLKETWTANVGKGQPSVL
QVVNLPIVERPVCKDSTRIRITDNMFCAGYKPDEGKRGDACEGDSGGPFVMKSPFNNRWYQMGIVSWGEGCDRDGKYGFY
THVFRLKKWIQKVIDQFGE
;
H
2 'polypeptide(L)' TFGSGEADCGLRPLFEKKSLEDKTERELLESYIDGR L
3 'polydeoxyribonucleotide'
;(DG)(DT)(DC)(DC)(DG)(DT)(DG)(DG)(DT)(DA)(DG)(DG)(DG)(DC)(DA)(DG)(DG)(DT)(DT)(DG)
(DG)(DG)(DG)(DT)(DG)(DA)(DC)
;
D
#
loop_
_chem_comp.id
_chem_comp.type
_chem_comp.name
_chem_comp.formula
0G6 peptide-like D-phenylalanyl-N-[(2S,3S)-6-{[amino(iminio)methyl]amino}-1-chloro-2-hydroxyhexan-3-yl]-L-prolinamide 'C21 H34 Cl N6 O3 1'
DA DNA linking 2'-DEOXYADENOSINE-5'-MONOPHOSPHATE 'C10 H14 N5 O6 P'
DC DNA linking 2'-DEOXYCYTIDINE-5'-MONOPHOSPHATE 'C9 H14 N3 O7 P'
DG DNA linking 2'-DEOXYGUANOSINE-5'-MONOPHOSPHATE 'C10 H14 N5 O7 P'
DT DNA linking THYMIDINE-5'-MONOPHOSPHATE 'C10 H15 N2 O8 P'
NA non-polymer 'SODIUM ION' 'Na 1'
NAG D-saccharide, beta linking 2-acetamido-2-deoxy-beta-D-glucopyranose 'C8 H15 N O6'
#
# COMPACT_ATOMS: atom_id res chain seq x y z
N ILE A 1 -0.45 0.75 -11.37
CA ILE A 1 0.97 1.20 -11.51
C ILE A 1 1.36 1.61 -12.94
N VAL A 2 1.93 2.80 -13.09
CA VAL A 2 2.35 3.33 -14.37
C VAL A 2 3.86 3.30 -14.45
N GLU A 3 4.39 2.74 -15.55
CA GLU A 3 5.82 2.52 -15.70
C GLU A 3 6.41 1.63 -14.60
N GLY A 4 5.66 0.60 -14.21
CA GLY A 4 6.18 -0.32 -13.23
C GLY A 4 6.57 -1.59 -13.91
N SER A 5 6.62 -2.65 -13.15
CA SER A 5 7.02 -3.89 -13.71
C SER A 5 6.33 -5.06 -13.04
N ASP A 6 6.28 -6.19 -13.73
CA ASP A 6 5.81 -7.44 -13.18
C ASP A 6 6.62 -7.76 -11.95
N ALA A 7 5.94 -8.02 -10.85
CA ALA A 7 6.61 -8.40 -9.61
C ALA A 7 7.17 -9.80 -9.74
N GLU A 8 8.22 -10.12 -8.98
CA GLU A 8 8.62 -11.52 -8.81
C GLU A 8 7.71 -12.29 -7.81
N ILE A 9 7.69 -13.61 -7.93
CA ILE A 9 6.79 -14.41 -7.12
C ILE A 9 7.24 -14.26 -5.70
N GLY A 10 6.30 -13.83 -4.86
CA GLY A 10 6.52 -13.80 -3.44
C GLY A 10 7.24 -12.54 -3.01
N MET A 11 7.49 -11.65 -3.96
CA MET A 11 8.13 -10.35 -3.73
C MET A 11 7.38 -9.40 -2.75
N SER A 12 6.05 -9.58 -2.67
CA SER A 12 5.16 -8.71 -1.88
C SER A 12 4.13 -9.57 -1.12
N PRO A 13 4.60 -10.37 -0.17
CA PRO A 13 3.59 -11.36 0.23
C PRO A 13 2.56 -10.84 1.23
N TRP A 14 2.58 -9.54 1.50
CA TRP A 14 1.59 -8.88 2.40
C TRP A 14 0.55 -8.18 1.58
N GLN A 15 0.72 -8.23 0.26
CA GLN A 15 -0.24 -7.73 -0.72
C GLN A 15 -1.57 -8.43 -0.62
N VAL A 16 -2.62 -7.62 -0.71
CA VAL A 16 -4.00 -8.04 -0.53
C VAL A 16 -4.89 -7.35 -1.55
N MET A 17 -5.85 -8.12 -2.06
CA MET A 17 -6.75 -7.67 -3.10
C MET A 17 -8.10 -7.44 -2.44
N LEU A 18 -8.67 -6.25 -2.62
CA LEU A 18 -10.00 -5.93 -2.09
C LEU A 18 -11.08 -5.96 -3.18
N PHE A 19 -12.08 -6.82 -2.96
CA PHE A 19 -13.14 -7.10 -3.94
C PHE A 19 -14.56 -6.65 -3.61
N ARG A 20 -15.26 -6.19 -4.65
CA ARG A 20 -16.69 -6.11 -4.57
C ARG A 20 -17.21 -7.43 -5.06
N LYS A 21 -18.11 -8.00 -4.26
CA LYS A 21 -18.71 -9.30 -4.55
C LYS A 21 -19.53 -9.19 -5.83
N SER A 22 -20.64 -8.47 -5.74
CA SER A 22 -21.58 -8.36 -6.85
C SER A 22 -21.92 -6.90 -7.17
N PRO A 23 -21.66 -6.47 -8.42
CA PRO A 23 -20.98 -7.22 -9.47
C PRO A 23 -19.54 -7.35 -9.07
N GLN A 24 -18.91 -8.48 -9.38
CA GLN A 24 -17.51 -8.69 -9.06
C GLN A 24 -16.72 -7.51 -9.54
N GLU A 25 -15.69 -7.13 -8.79
CA GLU A 25 -14.92 -5.94 -9.12
C GLU A 25 -13.66 -5.86 -8.25
N LEU A 26 -12.50 -5.77 -8.92
CA LEU A 26 -11.23 -5.40 -8.24
C LEU A 26 -11.28 -3.94 -7.78
N LEU A 27 -11.49 -3.71 -6.49
CA LEU A 27 -11.70 -2.38 -6.02
C LEU A 27 -10.42 -1.63 -5.72
N CYS A 28 -9.47 -2.27 -5.04
CA CYS A 28 -8.38 -1.51 -4.41
C CYS A 28 -7.41 -2.55 -3.96
N GLY A 29 -6.21 -2.11 -3.60
CA GLY A 29 -5.24 -2.95 -2.90
C GLY A 29 -5.40 -2.77 -1.38
N ALA A 30 -4.57 -3.51 -0.64
CA ALA A 30 -4.58 -3.55 0.82
C ALA A 30 -3.34 -4.32 1.30
N SER A 31 -3.13 -4.39 2.61
CA SER A 31 -1.97 -5.08 3.12
C SER A 31 -2.15 -5.88 4.39
N LEU A 32 -1.42 -6.98 4.47
CA LEU A 32 -1.61 -7.92 5.54
C LEU A 32 -0.71 -7.48 6.68
N ILE A 33 -1.31 -7.02 7.78
CA ILE A 33 -0.47 -6.61 8.92
C ILE A 33 -0.38 -7.60 10.11
N SER A 34 -1.19 -8.67 10.11
CA SER A 34 -1.16 -9.72 11.13
C SER A 34 -2.07 -10.78 10.54
N ASP A 35 -2.40 -11.83 11.29
CA ASP A 35 -3.22 -12.89 10.68
C ASP A 35 -4.71 -12.59 10.61
N ARG A 36 -5.13 -11.49 11.22
CA ARG A 36 -6.55 -11.17 11.34
C ARG A 36 -6.82 -9.70 10.92
N TRP A 37 -5.76 -8.94 10.70
CA TRP A 37 -5.89 -7.56 10.28
C TRP A 37 -5.35 -7.14 8.87
N VAL A 38 -6.15 -6.37 8.14
CA VAL A 38 -5.74 -5.83 6.87
C VAL A 38 -5.86 -4.32 6.86
N LEU A 39 -4.80 -3.66 6.38
CA LEU A 39 -4.79 -2.21 6.18
C LEU A 39 -5.17 -1.85 4.74
N THR A 40 -5.89 -0.74 4.57
CA THR A 40 -6.23 -0.24 3.26
C THR A 40 -6.51 1.29 3.32
N ALA A 41 -6.96 1.90 2.22
CA ALA A 41 -7.38 3.32 2.28
C ALA A 41 -8.89 3.45 2.58
N ALA A 42 -9.26 4.41 3.43
CA ALA A 42 -10.67 4.57 3.75
C ALA A 42 -11.53 4.86 2.52
N HIS A 43 -10.98 5.62 1.57
CA HIS A 43 -11.77 6.05 0.40
C HIS A 43 -12.15 4.84 -0.48
N CYS A 44 -11.51 3.69 -0.21
CA CYS A 44 -11.88 2.47 -0.92
C CYS A 44 -13.21 1.92 -0.38
N LEU A 45 -13.42 2.05 0.94
CA LEU A 45 -14.67 1.67 1.61
C LEU A 45 -15.71 2.80 1.61
N LEU A 46 -15.25 4.03 1.85
CA LEU A 46 -16.18 5.11 2.10
C LEU A 46 -15.82 6.36 1.28
N TYR A 47 -16.72 6.72 0.39
CA TYR A 47 -16.54 7.92 -0.42
C TYR A 47 -17.89 8.58 -0.76
N PRO A 48 -18.41 9.39 0.15
CA PRO A 48 -19.79 9.88 0.00
C PRO A 48 -20.09 10.59 -1.32
N PRO A 49 -19.14 11.34 -1.89
CA PRO A 49 -19.40 11.96 -3.19
C PRO A 49 -19.73 10.96 -4.29
N TRP A 50 -19.32 9.71 -4.18
CA TRP A 50 -19.90 8.74 -5.10
C TRP A 50 -20.94 7.80 -4.48
N ASP A 51 -21.53 8.20 -3.34
CA ASP A 51 -22.51 7.40 -2.60
C ASP A 51 -21.94 5.99 -2.38
N LYS A 52 -20.63 5.94 -2.10
CA LYS A 52 -19.94 4.69 -1.83
C LYS A 52 -19.77 4.56 -0.30
N ASN A 53 -20.39 3.53 0.26
CA ASN A 53 -20.25 3.21 1.68
C ASN A 53 -20.37 1.70 1.79
N PHE A 54 -19.28 0.95 1.61
CA PHE A 54 -19.39 -0.52 1.70
C PHE A 54 -19.54 -1.11 3.11
N THR A 55 -20.31 -2.20 3.21
CA THR A 55 -20.49 -3.03 4.42
C THR A 55 -19.56 -4.23 4.32
N GLU A 56 -19.24 -4.87 5.45
CA GLU A 56 -18.39 -6.07 5.46
C GLU A 56 -18.90 -7.18 4.55
N ASN A 57 -20.21 -7.30 4.45
CA ASN A 57 -20.79 -8.30 3.57
C ASN A 57 -20.79 -7.94 2.07
N ASP A 58 -20.42 -6.70 1.72
CA ASP A 58 -20.29 -6.34 0.29
C ASP A 58 -18.95 -6.78 -0.28
N LEU A 59 -17.97 -6.96 0.59
CA LEU A 59 -16.61 -7.13 0.14
C LEU A 59 -16.07 -8.51 0.34
N LEU A 60 -15.00 -8.79 -0.40
CA LEU A 60 -14.21 -9.98 -0.20
C LEU A 60 -12.74 -9.65 -0.40
N VAL A 61 -11.91 -10.34 0.35
CA VAL A 61 -10.47 -10.11 0.33
C VAL A 61 -9.73 -11.34 -0.22
N ARG A 62 -8.75 -11.05 -1.07
CA ARG A 62 -7.92 -12.12 -1.63
C ARG A 62 -6.45 -11.87 -1.30
N ILE A 63 -5.80 -12.87 -0.73
CA ILE A 63 -4.45 -12.73 -0.27
C ILE A 63 -3.59 -13.78 -1.01
N GLY A 64 -2.30 -13.51 -1.09
CA GLY A 64 -1.33 -14.48 -1.56
C GLY A 64 -1.28 -14.55 -3.06
N LYS A 65 -1.87 -13.54 -3.71
CA LYS A 65 -2.13 -13.64 -5.12
C LYS A 65 -1.06 -12.97 -5.93
N HIS A 66 -0.87 -13.45 -7.16
CA HIS A 66 0.18 -12.93 -8.00
C HIS A 66 -0.43 -12.45 -9.30
N SER A 67 -1.16 -13.35 -9.97
CA SER A 67 -1.83 -13.00 -11.24
C SER A 67 -3.29 -12.69 -11.05
N ARG A 68 -3.70 -11.53 -11.56
CA ARG A 68 -5.02 -10.93 -11.39
C ARG A 68 -6.18 -11.74 -11.93
N THR A 69 -5.95 -12.58 -12.93
CA THR A 69 -7.04 -13.35 -13.51
C THR A 69 -7.22 -14.67 -12.75
N ARG A 70 -6.25 -15.55 -12.90
CA ARG A 70 -6.33 -16.91 -12.39
C ARG A 70 -6.48 -17.02 -10.89
N TYR A 71 -7.48 -17.79 -10.50
CA TYR A 71 -7.41 -18.54 -9.27
C TYR A 71 -6.05 -19.27 -9.21
N GLU A 72 -5.36 -19.13 -8.08
CA GLU A 72 -4.06 -19.76 -7.88
C GLU A 72 -4.23 -20.82 -6.74
N ARG A 73 -4.39 -22.10 -7.09
CA ARG A 73 -4.85 -23.08 -6.10
C ARG A 73 -3.72 -23.45 -5.19
N ASN A 74 -4.03 -23.68 -3.92
CA ASN A 74 -3.00 -23.85 -2.89
C ASN A 74 -2.02 -22.68 -2.83
N ILE A 75 -2.42 -21.54 -3.36
CA ILE A 75 -1.56 -20.37 -3.26
C ILE A 75 -2.34 -19.24 -2.60
N GLU A 76 -3.45 -18.86 -3.20
CA GLU A 76 -4.24 -17.75 -2.71
C GLU A 76 -5.23 -18.16 -1.67
N LYS A 77 -5.58 -17.23 -0.80
CA LYS A 77 -6.62 -17.48 0.19
C LYS A 77 -7.68 -16.36 0.04
N ILE A 78 -8.93 -16.70 0.31
CA ILE A 78 -10.01 -15.73 0.38
C ILE A 78 -10.31 -15.46 1.85
N SER A 79 -10.78 -14.25 2.19
CA SER A 79 -11.34 -13.98 3.53
C SER A 79 -12.55 -13.07 3.48
N MET A 80 -13.41 -13.25 4.48
CA MET A 80 -14.55 -12.37 4.74
C MET A 80 -14.09 -11.38 5.79
N LEU A 81 -14.83 -10.32 5.95
CA LEU A 81 -14.56 -9.28 6.93
C LEU A 81 -15.51 -9.39 8.12
N GLU A 82 -14.97 -9.34 9.33
CA GLU A 82 -15.82 -9.21 10.52
C GLU A 82 -16.32 -7.79 10.68
N LYS A 83 -15.37 -6.85 10.76
CA LYS A 83 -15.68 -5.44 10.93
C LYS A 83 -14.70 -4.56 10.14
N ILE A 84 -15.24 -3.46 9.63
CA ILE A 84 -14.47 -2.33 9.09
C ILE A 84 -14.36 -1.22 10.15
N TYR A 85 -13.22 -0.53 10.16
CA TYR A 85 -12.93 0.54 11.11
C TYR A 85 -12.31 1.67 10.31
N ILE A 86 -13.03 2.75 10.11
CA ILE A 86 -12.44 3.90 9.38
C ILE A 86 -11.99 4.92 10.39
N HIS A 87 -10.90 5.60 10.08
CA HIS A 87 -10.41 6.60 11.01
C HIS A 87 -11.50 7.65 11.23
N PRO A 88 -11.82 7.95 12.51
CA PRO A 88 -12.82 8.97 12.82
C PRO A 88 -12.52 10.33 12.18
N ARG A 89 -11.25 10.65 11.95
CA ARG A 89 -10.91 11.97 11.37
C ARG A 89 -10.70 11.96 9.85
N TYR A 90 -11.11 10.89 9.17
CA TYR A 90 -10.96 10.79 7.72
C TYR A 90 -11.83 11.83 7.01
N ASN A 91 -11.23 12.66 6.16
CA ASN A 91 -11.98 13.74 5.45
C ASN A 91 -12.09 13.47 3.96
N TRP A 92 -13.26 13.01 3.56
CA TRP A 92 -13.60 12.73 2.17
C TRP A 92 -13.84 13.97 1.28
N ARG A 93 -14.23 15.12 1.84
CA ARG A 93 -14.42 16.35 1.03
C ARG A 93 -13.11 16.98 0.60
N GLU A 94 -12.36 17.54 1.55
CA GLU A 94 -11.32 18.49 1.19
C GLU A 94 -10.14 17.83 0.51
N ASN A 95 -9.50 16.89 1.19
CA ASN A 95 -8.18 16.40 0.77
C ASN A 95 -7.82 14.96 1.14
N LEU A 96 -8.80 14.10 1.41
CA LEU A 96 -8.58 12.72 1.88
C LEU A 96 -7.54 12.70 3.03
N ASP A 97 -7.57 13.72 3.89
CA ASP A 97 -6.77 13.68 5.09
C ASP A 97 -7.10 12.43 5.91
N ARG A 98 -6.06 11.78 6.46
CA ARG A 98 -6.21 10.54 7.22
C ARG A 98 -6.92 9.39 6.44
N ASP A 99 -6.53 9.17 5.17
CA ASP A 99 -7.17 8.19 4.30
C ASP A 99 -6.75 6.78 4.69
N ILE A 100 -7.26 6.28 5.83
CA ILE A 100 -6.78 4.98 6.34
C ILE A 100 -7.93 4.18 6.92
N ALA A 101 -7.91 2.85 6.73
CA ALA A 101 -8.94 2.00 7.30
C ALA A 101 -8.34 0.65 7.66
N LEU A 102 -8.92 0.02 8.67
CA LEU A 102 -8.50 -1.33 9.11
C LEU A 102 -9.61 -2.34 8.88
N MET A 103 -9.28 -3.55 8.46
CA MET A 103 -10.32 -4.58 8.29
C MET A 103 -9.97 -5.82 9.08
N LYS A 104 -10.92 -6.25 9.89
CA LYS A 104 -10.71 -7.45 10.69
C LYS A 104 -11.33 -8.61 9.93
N LEU A 105 -10.52 -9.61 9.66
CA LEU A 105 -11.00 -10.81 9.00
C LEU A 105 -11.84 -11.64 9.97
N LYS A 106 -12.79 -12.39 9.41
CA LYS A 106 -13.65 -13.25 10.20
C LYS A 106 -12.85 -14.38 10.81
N LYS A 107 -12.04 -15.06 10.00
CA LYS A 107 -11.13 -16.13 10.47
C LYS A 107 -9.69 -15.66 10.26
N PRO A 108 -8.73 -16.13 11.10
CA PRO A 108 -7.34 -15.83 10.73
C PRO A 108 -6.86 -16.64 9.53
N VAL A 109 -5.78 -16.19 8.94
CA VAL A 109 -5.21 -16.78 7.76
C VAL A 109 -3.88 -17.34 8.17
N ALA A 110 -3.64 -18.58 7.72
CA ALA A 110 -2.35 -19.22 7.79
C ALA A 110 -1.37 -18.52 6.81
N PHE A 111 -0.15 -18.29 7.30
CA PHE A 111 0.94 -17.73 6.49
C PHE A 111 1.59 -18.83 5.66
N SER A 112 2.39 -18.45 4.68
CA SER A 112 2.97 -19.43 3.76
C SER A 112 4.10 -18.72 3.05
N ASP A 113 4.74 -19.39 2.11
CA ASP A 113 5.69 -18.75 1.24
C ASP A 113 5.11 -17.49 0.57
N TYR A 114 3.78 -17.41 0.50
CA TYR A 114 3.11 -16.43 -0.36
C TYR A 114 2.26 -15.44 0.41
N ILE A 115 2.10 -15.68 1.72
CA ILE A 115 1.21 -14.92 2.59
C ILE A 115 2.02 -14.56 3.86
N HIS A 116 2.52 -13.33 3.93
CA HIS A 116 3.36 -12.91 5.06
C HIS A 116 3.18 -11.41 5.36
N PRO A 117 2.91 -11.04 6.64
CA PRO A 117 2.64 -9.70 7.10
C PRO A 117 3.86 -8.80 7.05
N VAL A 118 3.64 -7.52 6.84
CA VAL A 118 4.71 -6.53 6.73
C VAL A 118 4.74 -5.88 8.12
N CYS A 119 5.87 -5.27 8.51
CA CYS A 119 5.98 -4.51 9.77
C CYS A 119 5.42 -3.13 9.59
N LEU A 120 4.94 -2.57 10.72
CA LEU A 120 4.72 -1.15 10.81
C LEU A 120 5.89 -0.41 11.48
N PRO A 121 6.13 0.83 11.03
CA PRO A 121 7.18 1.68 11.60
C PRO A 121 6.93 2.07 13.09
N ASP A 122 7.99 2.33 13.85
CA ASP A 122 7.88 3.07 15.10
C ASP A 122 8.72 4.31 14.84
N ARG A 123 8.91 5.11 15.90
CA ARG A 123 9.55 6.43 15.79
C ARG A 123 10.90 6.36 15.04
N GLU A 124 11.67 5.30 15.28
CA GLU A 124 12.99 5.16 14.69
C GLU A 124 12.96 4.82 13.21
N THR A 125 11.92 4.12 12.80
CA THR A 125 11.78 3.76 11.40
C THR A 125 11.40 5.03 10.67
N ALA A 126 10.58 5.83 11.31
CA ALA A 126 10.17 7.05 10.70
C ALA A 126 11.34 8.03 10.64
N ALA A 127 12.05 8.21 11.75
CA ALA A 127 13.25 9.03 11.85
C ALA A 127 14.27 8.69 10.80
N SER A 128 14.47 7.41 10.55
CA SER A 128 15.58 6.95 9.72
C SER A 128 15.25 6.84 8.24
N LEU A 129 13.98 6.58 7.94
CA LEU A 129 13.62 6.19 6.60
C LEU A 129 12.84 7.28 5.85
N LEU A 130 12.21 8.20 6.57
CA LEU A 130 11.38 9.23 5.91
C LEU A 130 12.17 10.44 5.49
N GLN A 131 12.89 10.30 4.36
CA GLN A 131 13.80 11.35 3.91
C GLN A 131 13.73 11.53 2.41
N ALA A 132 13.64 12.78 1.94
CA ALA A 132 13.64 13.09 0.52
C ALA A 132 14.79 12.37 -0.25
N GLY A 133 14.45 11.82 -1.40
CA GLY A 133 15.41 11.03 -2.17
C GLY A 133 15.42 9.55 -1.84
N TYR A 134 14.99 9.18 -0.63
CA TYR A 134 14.96 7.77 -0.23
C TYR A 134 13.82 7.14 -0.98
N LYS A 135 14.02 5.94 -1.47
CA LYS A 135 12.97 5.34 -2.27
C LYS A 135 12.20 4.31 -1.49
N GLY A 136 10.90 4.23 -1.78
CA GLY A 136 10.14 3.04 -1.45
C GLY A 136 9.56 2.37 -2.70
N ARG A 137 8.81 1.29 -2.43
CA ARG A 137 8.25 0.43 -3.46
C ARG A 137 6.76 0.43 -3.24
N VAL A 138 6.01 0.62 -4.34
CA VAL A 138 4.54 0.60 -4.36
C VAL A 138 4.11 -0.57 -5.24
N THR A 139 3.01 -1.25 -4.90
CA THR A 139 2.50 -2.40 -5.65
C THR A 139 0.99 -2.37 -5.90
N GLY A 140 0.53 -2.83 -7.05
CA GLY A 140 -0.92 -2.87 -7.30
C GLY A 140 -1.30 -3.52 -8.60
N TRP A 141 -2.60 -3.73 -8.76
CA TRP A 141 -3.19 -4.23 -10.00
C TRP A 141 -4.02 -3.16 -10.68
N GLY A 142 -3.80 -1.89 -10.34
CA GLY A 142 -4.60 -0.81 -10.92
C GLY A 142 -4.04 -0.33 -12.26
N ASN A 143 -4.61 0.75 -12.79
CA ASN A 143 -4.32 1.25 -14.12
C ASN A 143 -2.88 1.32 -14.53
N LEU A 144 -2.61 0.89 -15.75
CA LEU A 144 -1.27 1.04 -16.35
C LEU A 144 -1.00 2.47 -16.89
N LYS A 145 -2.07 3.24 -17.12
CA LYS A 145 -1.99 4.66 -17.49
C LYS A 145 -3.33 5.34 -17.18
N GLU A 146 -3.38 6.66 -17.17
CA GLU A 146 -4.60 7.35 -16.74
C GLU A 146 -5.72 7.33 -17.80
N GLY A 155 -4.58 -0.64 -20.23
CA GLY A 155 -5.60 -1.32 -19.45
C GLY A 155 -5.11 -1.73 -18.06
N GLN A 156 -5.43 -2.96 -17.70
CA GLN A 156 -5.21 -3.50 -16.38
C GLN A 156 -4.24 -4.67 -16.50
N PRO A 157 -3.21 -4.72 -15.64
CA PRO A 157 -2.16 -5.75 -15.73
C PRO A 157 -2.66 -7.16 -15.42
N SER A 158 -1.96 -8.17 -15.92
CA SER A 158 -2.31 -9.52 -15.56
C SER A 158 -1.64 -9.87 -14.25
N VAL A 159 -0.42 -9.38 -14.08
CA VAL A 159 0.39 -9.72 -12.94
C VAL A 159 0.63 -8.45 -12.11
N LEU A 160 0.66 -8.62 -10.79
CA LEU A 160 1.00 -7.53 -9.87
C LEU A 160 2.16 -6.72 -10.40
N GLN A 161 1.98 -5.40 -10.40
CA GLN A 161 2.99 -4.45 -10.85
C GLN A 161 3.68 -3.87 -9.64
N VAL A 162 4.96 -3.57 -9.81
CA VAL A 162 5.79 -2.99 -8.77
C VAL A 162 6.57 -1.82 -9.34
N VAL A 163 6.73 -0.74 -8.56
CA VAL A 163 7.63 0.34 -8.91
C VAL A 163 8.28 0.96 -7.68
N ASN A 164 9.53 1.41 -7.84
CA ASN A 164 10.30 2.16 -6.84
C ASN A 164 10.32 3.67 -7.07
N LEU A 165 10.00 4.43 -6.02
CA LEU A 165 9.83 5.86 -6.16
C LEU A 165 10.40 6.59 -4.97
N PRO A 166 11.02 7.74 -5.24
CA PRO A 166 11.65 8.44 -4.13
C PRO A 166 10.67 9.37 -3.48
N ILE A 167 10.78 9.47 -2.15
CA ILE A 167 10.05 10.45 -1.35
C ILE A 167 10.47 11.84 -1.79
N VAL A 168 9.51 12.74 -1.92
CA VAL A 168 9.78 14.04 -2.48
C VAL A 168 9.74 15.03 -1.34
N GLU A 169 10.55 16.08 -1.43
CA GLU A 169 10.56 17.07 -0.37
C GLU A 169 9.23 17.76 -0.25
N ARG A 170 8.86 18.10 0.99
CA ARG A 170 7.48 18.51 1.31
C ARG A 170 7.04 19.82 0.63
N PRO A 171 7.94 20.81 0.54
CA PRO A 171 7.51 22.04 -0.16
C PRO A 171 7.19 21.75 -1.59
N VAL A 172 7.97 20.87 -2.21
CA VAL A 172 7.70 20.50 -3.58
C VAL A 172 6.36 19.80 -3.73
N CYS A 173 5.97 19.01 -2.72
CA CYS A 173 4.67 18.34 -2.78
C CYS A 173 3.55 19.34 -2.63
N LYS A 174 3.75 20.29 -1.73
CA LYS A 174 2.77 21.34 -1.46
C LYS A 174 2.54 22.15 -2.72
N ASP A 175 3.62 22.68 -3.29
CA ASP A 175 3.58 23.53 -4.47
C ASP A 175 2.95 22.89 -5.72
N SER A 176 3.14 21.58 -5.90
CA SER A 176 2.72 20.86 -7.12
C SER A 176 1.23 20.62 -7.28
N THR A 177 0.42 21.01 -6.30
CA THR A 177 -1.02 20.81 -6.36
C THR A 177 -1.78 21.90 -5.61
N ARG A 178 -3.05 22.08 -5.97
CA ARG A 178 -3.91 23.03 -5.28
C ARG A 178 -4.71 22.41 -4.12
N ILE A 179 -4.66 21.09 -4.00
CA ILE A 179 -5.33 20.47 -2.87
C ILE A 179 -4.46 20.69 -1.66
N ARG A 180 -5.12 21.04 -0.56
CA ARG A 180 -4.47 21.42 0.68
C ARG A 180 -3.83 20.19 1.29
N ILE A 181 -2.54 20.03 1.04
CA ILE A 181 -1.67 19.03 1.64
C ILE A 181 -1.78 19.01 3.19
N THR A 182 -1.39 17.91 3.81
CA THR A 182 -1.58 17.68 5.22
C THR A 182 -0.42 16.90 5.82
N ASP A 183 -0.21 17.08 7.12
CA ASP A 183 0.89 16.37 7.79
C ASP A 183 0.71 14.85 7.75
N ASN A 184 -0.52 14.37 7.48
CA ASN A 184 -0.77 12.92 7.47
C ASN A 184 -0.65 12.29 6.11
N MET A 185 0.05 12.99 5.23
CA MET A 185 0.31 12.52 3.90
C MET A 185 1.72 12.94 3.47
N PHE A 186 2.27 12.17 2.54
CA PHE A 186 3.54 12.46 1.88
C PHE A 186 3.36 12.17 0.39
N CYS A 187 4.34 12.55 -0.42
CA CYS A 187 4.25 12.34 -1.86
C CYS A 187 5.55 11.75 -2.36
N ALA A 188 5.48 11.10 -3.50
CA ALA A 188 6.64 10.37 -3.97
C ALA A 188 6.59 10.34 -5.48
N GLY A 189 7.74 10.51 -6.13
CA GLY A 189 7.80 10.38 -7.57
C GLY A 189 8.98 11.11 -8.11
N TYR A 190 9.25 10.90 -9.40
CA TYR A 190 10.43 11.55 -10.00
C TYR A 190 10.07 12.94 -10.45
N LYS A 191 11.00 13.86 -10.26
CA LYS A 191 10.88 15.22 -10.82
C LYS A 191 11.06 15.11 -12.36
N PRO A 192 10.34 15.96 -13.17
CA PRO A 192 10.37 15.99 -14.67
C PRO A 192 11.71 15.72 -15.37
N ASP A 193 12.81 16.28 -14.89
CA ASP A 193 14.10 16.01 -15.56
C ASP A 193 14.89 14.78 -15.10
N GLU A 194 14.46 14.13 -14.01
CA GLU A 194 15.25 13.06 -13.38
C GLU A 194 15.33 11.84 -14.25
N GLY A 195 14.79 11.93 -15.46
CA GLY A 195 14.81 10.81 -16.39
C GLY A 195 13.66 9.88 -16.06
N LYS A 196 13.92 8.96 -15.13
CA LYS A 196 12.95 7.95 -14.61
C LYS A 196 11.58 8.52 -14.28
N ARG A 197 10.58 7.63 -14.40
CA ARG A 197 9.14 7.91 -14.34
C ARG A 197 8.41 6.92 -13.41
N GLY A 198 7.09 7.02 -13.34
CA GLY A 198 6.35 5.99 -12.62
C GLY A 198 5.50 6.56 -11.49
N ASP A 199 4.42 5.85 -11.18
CA ASP A 199 3.44 6.37 -10.28
C ASP A 199 2.45 5.25 -10.02
N ALA A 200 1.68 5.39 -8.93
CA ALA A 200 0.51 4.58 -8.72
C ALA A 200 -0.56 5.32 -9.48
N CYS A 201 -1.70 4.66 -9.67
CA CYS A 201 -2.78 5.19 -10.46
C CYS A 201 -4.07 4.69 -9.85
N GLU A 202 -5.22 5.12 -10.37
CA GLU A 202 -6.50 4.56 -9.86
C GLU A 202 -6.56 3.03 -9.88
N GLY A 203 -7.17 2.47 -8.84
CA GLY A 203 -7.28 1.02 -8.69
C GLY A 203 -6.15 0.53 -7.80
N ASP A 204 -5.22 1.43 -7.45
CA ASP A 204 -4.02 1.10 -6.63
C ASP A 204 -4.20 1.56 -5.15
N SER A 205 -5.22 2.37 -4.91
CA SER A 205 -5.46 2.82 -3.53
C SER A 205 -5.46 1.66 -2.55
N GLY A 206 -4.88 1.89 -1.38
CA GLY A 206 -4.83 0.87 -0.34
C GLY A 206 -3.57 0.05 -0.38
N GLY A 207 -2.90 0.03 -1.53
CA GLY A 207 -1.68 -0.75 -1.67
C GLY A 207 -0.61 -0.17 -0.77
N PRO A 208 0.45 -0.94 -0.49
CA PRO A 208 1.40 -0.35 0.45
C PRO A 208 2.62 0.30 -0.21
N PHE A 209 3.18 1.32 0.47
CA PHE A 209 4.44 1.93 0.08
C PHE A 209 5.42 1.43 1.12
N VAL A 210 6.23 0.48 0.69
CA VAL A 210 7.16 -0.19 1.63
C VAL A 210 8.55 0.34 1.48
N MET A 211 9.38 0.17 2.53
CA MET A 211 10.80 0.50 2.52
C MET A 211 11.52 -0.58 3.31
N LYS A 212 12.62 -1.07 2.74
CA LYS A 212 13.44 -2.06 3.42
C LYS A 212 14.48 -1.37 4.29
N SER A 213 14.38 -1.56 5.59
CA SER A 213 15.36 -0.99 6.51
C SER A 213 16.72 -1.59 6.29
N PRO A 214 17.71 -0.74 6.13
CA PRO A 214 19.07 -1.27 6.01
C PRO A 214 19.66 -1.76 7.36
N PHE A 215 18.97 -1.54 8.47
CA PHE A 215 19.45 -1.99 9.77
C PHE A 215 19.01 -3.38 10.22
N ASN A 216 17.78 -3.76 9.97
CA ASN A 216 17.39 -5.18 10.10
C ASN A 216 17.00 -5.50 8.68
N ASN A 217 16.87 -6.73 8.27
CA ASN A 217 16.66 -6.82 6.81
C ASN A 217 15.15 -6.71 6.49
N ARG A 218 14.44 -5.85 7.22
CA ARG A 218 12.97 -5.92 7.27
C ARG A 218 12.20 -4.85 6.47
N TRP A 219 11.10 -5.27 5.84
CA TRP A 219 10.20 -4.36 5.16
C TRP A 219 9.15 -3.73 6.04
N TYR A 220 9.00 -2.41 5.87
CA TYR A 220 8.11 -1.57 6.64
C TYR A 220 7.09 -0.86 5.73
N GLN A 221 5.81 -0.89 6.06
CA GLN A 221 4.85 -0.10 5.30
C GLN A 221 4.79 1.33 5.85
N MET A 222 5.44 2.22 5.12
CA MET A 222 5.48 3.62 5.48
C MET A 222 4.30 4.41 4.92
N GLY A 223 3.69 3.92 3.84
CA GLY A 223 2.58 4.67 3.25
C GLY A 223 1.46 3.82 2.78
N ILE A 224 0.33 4.45 2.48
CA ILE A 224 -0.79 3.76 1.80
C ILE A 224 -1.18 4.58 0.58
N VAL A 225 -1.26 3.95 -0.59
CA VAL A 225 -1.59 4.71 -1.78
C VAL A 225 -2.92 5.39 -1.50
N SER A 226 -2.96 6.72 -1.71
CA SER A 226 -4.17 7.48 -1.38
C SER A 226 -4.75 8.29 -2.56
N TRP A 227 -3.99 9.23 -3.11
CA TRP A 227 -4.53 10.03 -4.18
C TRP A 227 -3.50 10.59 -5.08
N GLY A 228 -3.97 11.18 -6.19
CA GLY A 228 -3.15 11.91 -7.16
C GLY A 228 -4.00 12.69 -8.16
N GLU A 229 -3.36 13.24 -9.17
CA GLU A 229 -4.06 14.05 -10.15
C GLU A 229 -3.57 13.62 -11.54
N GLY A 230 -4.38 12.79 -12.18
CA GLY A 230 -3.92 11.96 -13.28
C GLY A 230 -2.92 10.95 -12.73
N CYS A 231 -2.11 10.34 -13.60
CA CYS A 231 -1.06 9.41 -13.18
C CYS A 231 0.15 9.68 -14.00
N ASP A 232 1.29 9.77 -13.33
CA ASP A 232 2.59 9.92 -13.96
C ASP A 232 2.78 11.22 -14.78
N ARG A 233 2.11 12.31 -14.36
CA ARG A 233 2.28 13.65 -14.94
C ARG A 233 3.50 14.36 -14.42
N ASP A 234 4.13 15.10 -15.32
CA ASP A 234 5.28 15.87 -14.96
C ASP A 234 4.93 16.89 -13.93
N GLY A 235 5.71 16.94 -12.86
CA GLY A 235 5.46 17.90 -11.78
C GLY A 235 4.26 17.56 -10.93
N LYS A 236 3.64 16.44 -11.23
CA LYS A 236 2.63 15.84 -10.38
C LYS A 236 3.25 14.73 -9.54
N TYR A 237 2.79 14.54 -8.30
CA TYR A 237 3.32 13.45 -7.41
C TYR A 237 2.24 12.61 -6.74
N GLY A 238 2.43 11.30 -6.72
CA GLY A 238 1.47 10.45 -6.01
C GLY A 238 1.43 10.75 -4.51
N PHE A 239 0.24 10.74 -3.91
CA PHE A 239 0.12 10.98 -2.47
C PHE A 239 -0.22 9.73 -1.64
N TYR A 240 0.40 9.64 -0.47
CA TYR A 240 0.31 8.43 0.34
C TYR A 240 -0.03 8.79 1.75
N THR A 241 -0.88 7.98 2.37
CA THR A 241 -1.20 8.16 3.79
C THR A 241 0.02 7.86 4.68
N HIS A 242 0.34 8.74 5.63
CA HIS A 242 1.51 8.64 6.51
C HIS A 242 1.23 7.59 7.60
N VAL A 243 1.75 6.38 7.43
CA VAL A 243 1.37 5.28 8.33
C VAL A 243 1.75 5.51 9.83
N PHE A 244 2.99 5.97 10.06
CA PHE A 244 3.48 6.04 11.40
C PHE A 244 2.67 7.05 12.17
N ARG A 245 2.44 8.21 11.55
CA ARG A 245 1.52 9.21 12.09
C ARG A 245 0.27 8.55 12.69
N LEU A 246 -0.18 7.46 12.11
CA LEU A 246 -1.47 6.96 12.53
C LEU A 246 -1.35 5.67 13.33
N LYS A 247 -0.09 5.37 13.67
CA LYS A 247 0.32 4.17 14.38
C LYS A 247 -0.50 3.94 15.65
N LYS A 248 -0.63 4.97 16.51
CA LYS A 248 -1.33 4.79 17.78
C LYS A 248 -2.77 4.37 17.52
N TRP A 249 -3.36 4.95 16.49
CA TRP A 249 -4.72 4.56 16.12
C TRP A 249 -4.75 3.07 15.72
N ILE A 250 -3.91 2.65 14.80
CA ILE A 250 -3.84 1.22 14.47
C ILE A 250 -3.74 0.31 15.71
N GLN A 251 -2.77 0.57 16.60
CA GLN A 251 -2.54 -0.27 17.78
C GLN A 251 -3.79 -0.34 18.65
N LYS A 252 -4.48 0.79 18.86
CA LYS A 252 -5.66 0.82 19.74
C LYS A 252 -6.78 -0.06 19.25
N VAL A 253 -7.07 0.04 17.94
CA VAL A 253 -8.24 -0.68 17.44
C VAL A 253 -7.91 -2.16 17.41
N ILE A 254 -6.66 -2.48 17.11
CA ILE A 254 -6.24 -3.86 17.12
C ILE A 254 -6.30 -4.45 18.54
N ASP A 255 -5.62 -3.80 19.47
CA ASP A 255 -5.70 -4.13 20.91
C ASP A 255 -7.11 -4.25 21.47
N GLN A 256 -7.95 -3.27 21.18
CA GLN A 256 -9.26 -3.21 21.82
C GLN A 256 -10.31 -4.15 21.22
N PHE A 257 -10.28 -4.29 19.89
CA PHE A 257 -11.31 -4.98 19.18
C PHE A 257 -10.76 -6.26 18.53
N GLY A 258 -9.44 -6.44 18.56
CA GLY A 258 -8.90 -7.69 18.10
C GLY A 258 -9.52 -8.85 18.83
N ALA B 7 6.00 -9.92 14.67
CA ALA B 7 7.22 -10.50 15.31
C ALA B 7 8.20 -11.04 14.28
N ASP B 8 7.64 -11.76 13.32
CA ASP B 8 8.33 -12.24 12.15
C ASP B 8 8.11 -11.30 10.94
N CYS B 9 7.58 -10.10 11.21
CA CYS B 9 7.02 -9.25 10.15
C CYS B 9 8.11 -8.82 9.16
N GLY B 10 7.72 -8.54 7.92
CA GLY B 10 8.65 -7.95 6.97
C GLY B 10 9.83 -8.79 6.49
N LEU B 11 9.87 -10.07 6.86
CA LEU B 11 10.89 -11.01 6.33
C LEU B 11 10.27 -12.05 5.43
N ARG B 12 10.46 -11.88 4.13
CA ARG B 12 9.75 -12.62 3.10
C ARG B 12 10.30 -14.02 3.01
N PRO B 13 9.43 -15.02 3.02
CA PRO B 13 9.85 -16.41 2.89
C PRO B 13 10.72 -16.70 1.67
N LEU B 14 10.31 -16.19 0.52
CA LEU B 14 10.99 -16.50 -0.71
C LEU B 14 12.23 -15.63 -0.87
N PHE B 15 12.48 -14.71 0.07
CA PHE B 15 13.64 -13.81 -0.04
C PHE B 15 14.59 -13.67 1.16
N GLU B 16 14.24 -12.78 2.09
CA GLU B 16 15.08 -12.59 3.24
C GLU B 16 15.34 -13.95 3.89
N LYS B 17 14.31 -14.77 4.04
CA LYS B 17 14.43 -16.00 4.81
C LYS B 17 15.47 -16.94 4.26
N LYS B 18 15.66 -16.89 2.94
CA LYS B 18 16.55 -17.79 2.25
C LYS B 18 17.67 -17.01 1.55
N SER B 19 18.16 -15.97 2.21
CA SER B 19 19.24 -15.10 1.72
C SER B 19 19.22 -14.87 0.22
N LEU B 20 18.07 -14.49 -0.31
CA LEU B 20 17.97 -14.04 -1.68
C LEU B 20 17.45 -12.62 -1.82
N GLU B 21 18.01 -11.88 -2.77
CA GLU B 21 17.58 -10.52 -3.11
C GLU B 21 16.61 -10.56 -4.25
N ASP B 22 15.58 -9.70 -4.25
CA ASP B 22 14.83 -9.48 -5.47
C ASP B 22 15.64 -8.58 -6.40
N LYS B 23 15.12 -8.36 -7.59
CA LYS B 23 15.88 -7.74 -8.66
C LYS B 23 16.26 -6.29 -8.34
N THR B 24 15.31 -5.55 -7.77
CA THR B 24 15.52 -4.13 -7.59
C THR B 24 15.62 -3.61 -6.16
N GLU B 25 15.69 -4.47 -5.14
CA GLU B 25 15.86 -3.95 -3.77
C GLU B 25 17.15 -3.16 -3.54
N ARG B 26 18.19 -3.48 -4.34
CA ARG B 26 19.42 -2.71 -4.29
C ARG B 26 19.19 -1.23 -4.61
N GLU B 27 18.32 -0.93 -5.57
CA GLU B 27 18.03 0.48 -5.88
C GLU B 27 17.61 1.27 -4.61
N LEU B 28 16.79 0.60 -3.78
CA LEU B 28 16.29 1.19 -2.53
C LEU B 28 17.43 1.48 -1.59
N LEU B 29 18.32 0.49 -1.41
CA LEU B 29 19.50 0.69 -0.59
C LEU B 29 20.33 1.90 -1.06
N GLU B 30 20.62 1.94 -2.35
CA GLU B 30 21.44 2.99 -2.92
C GLU B 30 20.83 4.37 -2.69
N SER B 31 19.49 4.47 -2.70
CA SER B 31 18.86 5.74 -2.45
C SER B 31 19.01 6.17 -1.02
N TYR B 32 19.31 5.21 -0.13
CA TYR B 32 19.58 5.59 1.27
C TYR B 32 21.00 6.20 1.43
N ILE B 33 21.89 5.91 0.49
CA ILE B 33 23.14 6.64 0.31
C ILE B 33 22.78 7.88 -0.54
N 0G6 D . -7.87 12.32 -8.51
CA 0G6 D . -8.63 12.53 -7.30
C 0G6 D . -8.33 11.40 -6.36
O 0G6 D . -7.16 11.07 -6.17
CB 0G6 D . -8.21 13.87 -6.75
CG 0G6 D . -8.79 14.16 -5.39
CD1 0G6 D . -7.98 14.14 -4.27
CD2 0G6 D . -10.14 14.52 -5.25
CE1 0G6 D . -8.48 14.46 -3.01
CE2 0G6 D . -10.66 14.83 -3.99
CZ 0G6 D . -9.83 14.81 -2.87
N1 0G6 D . -9.34 10.73 -5.80
CA1 0G6 D . -9.07 9.59 -4.92
C1 0G6 D . -8.54 8.42 -5.70
O1 0G6 D . -8.93 8.26 -6.85
CB1 0G6 D . -10.42 9.20 -4.35
CG1 0G6 D . -11.48 9.90 -5.19
CD 0G6 D . -10.78 10.96 -6.02
N2 0G6 D . -7.66 7.60 -5.13
CA2 0G6 D . -7.16 6.44 -5.86
C2 0G6 D . -7.53 5.13 -5.15
O2 0G6 D . -7.38 4.12 -6.13
CB2 0G6 D . -5.64 6.45 -6.07
CG2 0G6 D . -5.15 7.40 -7.17
CD3 0G6 D . -3.62 7.52 -7.07
NE 0G6 D . -3.05 8.37 -8.11
CZ1 0G6 D . -1.77 8.63 -8.34
NH1 0G6 D . -1.49 9.44 -9.37
NH2 0G6 D . -0.78 8.13 -7.59
C3 0G6 D . -8.96 5.09 -4.56
NA NA E . 5.20 12.92 -11.67
C1 NAG F . -22.58 3.67 6.14
C2 NAG F . -23.14 4.80 6.98
C3 NAG F . -23.40 4.41 8.45
C4 NAG F . -24.28 3.16 8.50
C5 NAG F . -23.44 2.13 7.75
C6 NAG F . -24.06 0.74 7.84
C7 NAG F . -22.27 6.95 6.15
C8 NAG F . -23.27 7.07 5.05
N2 NAG F . -22.23 5.92 6.98
O3 NAG F . -24.03 5.49 9.12
O4 NAG F . -24.61 2.75 9.82
O5 NAG F . -23.36 2.51 6.38
O6 NAG F . -25.22 0.81 7.06
O7 NAG F . -21.44 7.84 6.24
#